data_3LXF
#
_entry.id   3LXF
#
_cell.length_a   137.554
_cell.length_b   78.788
_cell.length_c   89.200
_cell.angle_alpha   90.00
_cell.angle_beta   125.04
_cell.angle_gamma   90.00
#
_symmetry.space_group_name_H-M   'C 1 2 1'
#
loop_
_entity.id
_entity.type
_entity.pdbx_description
1 polymer Ferredoxin
2 non-polymer 'FE2/S2 (INORGANIC) CLUSTER'
3 water water
#
_entity_poly.entity_id   1
_entity_poly.type   'polypeptide(L)'
_entity_poly.pdbx_seq_one_letter_code
;TAILVTTRDGTRTEIQAEPGLSLMEALRDAGIDELLALCGGCCSCATCHVLVAPAFADRLPALSGDENDLLDSSDHRTPH
SRLSCQITINDKLEGLEVEIAPED
;
_entity_poly.pdbx_strand_id   A,B,C,D,E
#
# COMPACT_ATOMS: atom_id res chain seq x y z
N THR A 1 -35.93 14.14 5.77
CA THR A 1 -35.57 12.70 5.97
C THR A 1 -34.76 12.45 7.25
N ALA A 2 -35.28 11.57 8.09
CA ALA A 2 -34.86 11.51 9.47
C ALA A 2 -33.80 10.46 9.66
N ILE A 3 -32.72 10.89 10.29
CA ILE A 3 -31.52 10.08 10.41
C ILE A 3 -31.04 10.16 11.85
N LEU A 4 -30.63 9.03 12.40
CA LEU A 4 -30.25 9.00 13.78
C LEU A 4 -28.75 8.84 13.88
N VAL A 5 -28.06 9.88 14.34
CA VAL A 5 -26.62 9.84 14.43
C VAL A 5 -26.07 9.67 15.84
N THR A 6 -25.15 8.73 15.95
CA THR A 6 -24.45 8.54 17.19
C THR A 6 -23.13 9.29 17.03
N THR A 7 -22.90 10.27 17.89
CA THR A 7 -21.67 11.09 17.81
C THR A 7 -20.59 10.36 18.57
N ARG A 8 -19.36 10.87 18.51
CA ARG A 8 -18.19 10.17 19.07
C ARG A 8 -18.33 9.86 20.57
N ASP A 9 -19.02 10.72 21.31
CA ASP A 9 -19.23 10.52 22.74
C ASP A 9 -20.35 9.54 23.05
N GLY A 10 -20.94 8.95 22.02
CA GLY A 10 -21.91 7.88 22.18
C GLY A 10 -23.35 8.34 22.26
N THR A 11 -23.58 9.66 22.32
CA THR A 11 -24.92 10.23 22.39
C THR A 11 -25.60 10.20 21.02
N ARG A 12 -26.93 10.07 21.03
CA ARG A 12 -27.72 9.85 19.83
C ARG A 12 -28.68 10.97 19.59
N THR A 13 -28.70 11.48 18.36
CA THR A 13 -29.49 12.64 17.99
C THR A 13 -30.10 12.42 16.63
N GLU A 14 -31.38 12.73 16.50
CA GLU A 14 -32.04 12.60 15.22
C GLU A 14 -31.91 13.91 14.46
N ILE A 15 -31.59 13.82 13.17
CA ILE A 15 -31.52 15.01 12.35
C ILE A 15 -32.40 14.83 11.13
N GLN A 16 -32.74 15.96 10.53
CA GLN A 16 -33.44 16.03 9.25
C GLN A 16 -32.38 16.16 8.18
N ALA A 17 -32.59 15.48 7.06
CA ALA A 17 -31.62 15.46 5.98
C ALA A 17 -32.33 15.61 4.63
N GLU A 18 -32.00 16.69 3.92
CA GLU A 18 -32.60 17.01 2.64
C GLU A 18 -32.14 16.01 1.56
N PRO A 19 -33.09 15.40 0.84
CA PRO A 19 -32.81 14.48 -0.26
C PRO A 19 -31.87 15.13 -1.29
N GLY A 20 -30.95 14.35 -1.85
CA GLY A 20 -30.00 14.92 -2.82
C GLY A 20 -28.71 15.52 -2.31
N LEU A 21 -28.65 15.84 -1.02
CA LEU A 21 -27.37 16.19 -0.39
C LEU A 21 -26.66 14.90 -0.04
N SER A 22 -25.35 14.98 0.15
CA SER A 22 -24.64 13.85 0.72
C SER A 22 -24.92 13.76 2.23
N LEU A 23 -24.78 12.56 2.79
CA LEU A 23 -24.84 12.41 4.24
C LEU A 23 -23.87 13.35 4.92
N MET A 24 -22.65 13.48 4.43
CA MET A 24 -21.68 14.39 5.06
C MET A 24 -22.25 15.82 5.12
N GLU A 25 -22.86 16.26 4.03
CA GLU A 25 -23.46 17.61 3.99
C GLU A 25 -24.65 17.73 4.94
N ALA A 26 -25.48 16.70 4.96
CA ALA A 26 -26.61 16.68 5.88
C ALA A 26 -26.14 16.74 7.34
N LEU A 27 -25.09 15.99 7.65
CA LEU A 27 -24.47 16.02 8.99
C LEU A 27 -24.02 17.41 9.39
N ARG A 28 -23.12 18.02 8.62
CA ARG A 28 -22.62 19.39 8.91
C ARG A 28 -23.78 20.41 9.00
N ASP A 29 -24.69 20.35 8.04
CA ASP A 29 -25.81 21.27 8.02
C ASP A 29 -26.67 21.25 9.27
N ALA A 30 -26.75 20.08 9.90
CA ALA A 30 -27.55 19.90 11.10
C ALA A 30 -26.74 20.18 12.36
N GLY A 31 -25.53 20.71 12.22
CA GLY A 31 -24.70 21.09 13.38
C GLY A 31 -23.85 20.00 14.02
N ILE A 32 -23.69 18.86 13.34
CA ILE A 32 -22.71 17.85 13.78
C ILE A 32 -21.31 18.24 13.27
N ASP A 33 -20.58 19.04 14.04
CA ASP A 33 -19.29 19.56 13.57
C ASP A 33 -18.12 18.61 13.73
N GLU A 34 -18.34 17.49 14.40
CA GLU A 34 -17.31 16.52 14.75
C GLU A 34 -16.61 16.05 13.50
N LEU A 35 -17.39 15.93 12.44
CA LEU A 35 -16.97 15.29 11.21
C LEU A 35 -16.22 16.35 10.40
N LEU A 36 -14.89 16.24 10.38
CA LEU A 36 -14.12 17.01 9.44
C LEU A 36 -14.42 16.43 8.06
N ALA A 37 -14.25 17.22 7.05
CA ALA A 37 -14.41 16.67 5.75
C ALA A 37 -13.29 17.37 5.05
N LEU A 38 -12.07 16.97 5.39
CA LEU A 38 -10.90 17.69 4.92
C LEU A 38 -10.88 17.85 3.41
N CYS A 39 -11.33 16.85 2.65
CA CYS A 39 -11.14 16.96 1.23
C CYS A 39 -12.33 17.70 0.64
N GLY A 40 -13.30 18.03 1.48
CA GLY A 40 -14.46 18.83 1.04
C GLY A 40 -15.42 17.98 0.24
N GLY A 41 -15.41 16.67 0.53
CA GLY A 41 -16.38 15.73 -0.01
C GLY A 41 -16.04 15.26 -1.39
N CYS A 42 -14.76 15.17 -1.72
CA CYS A 42 -14.40 14.75 -3.07
C CYS A 42 -13.75 13.32 -3.05
N CYS A 43 -14.07 12.51 -2.04
CA CYS A 43 -13.54 11.14 -1.97
C CYS A 43 -12.00 11.06 -2.04
N SER A 44 -11.31 11.85 -1.22
CA SER A 44 -9.85 11.91 -1.23
C SER A 44 -9.30 11.90 0.17
N CYS A 45 -10.17 11.73 1.16
CA CYS A 45 -9.71 11.56 2.54
C CYS A 45 -10.55 10.51 3.28
N ALA A 46 -10.23 10.28 4.53
CA ALA A 46 -11.08 9.35 5.27
C ALA A 46 -11.73 10.02 6.45
N THR A 47 -11.82 11.35 6.43
CA THR A 47 -12.29 12.07 7.63
C THR A 47 -13.80 12.28 7.67
N CYS A 48 -14.53 11.74 6.70
CA CYS A 48 -15.98 11.78 6.79
C CYS A 48 -16.52 10.37 7.13
N HIS A 49 -15.63 9.57 7.66
CA HIS A 49 -15.87 8.16 7.90
C HIS A 49 -17.05 7.99 8.90
N VAL A 50 -18.09 7.25 8.46
CA VAL A 50 -19.14 6.81 9.37
C VAL A 50 -19.29 5.28 9.38
N LEU A 51 -19.92 4.79 10.44
CA LEU A 51 -20.28 3.39 10.61
C LEU A 51 -21.78 3.30 10.50
N VAL A 52 -22.24 2.50 9.54
CA VAL A 52 -23.64 2.40 9.19
C VAL A 52 -24.26 1.20 9.90
N ALA A 53 -25.44 1.37 10.49
CA ALA A 53 -26.11 0.19 11.08
C ALA A 53 -26.27 -0.93 10.01
N PRO A 54 -25.93 -2.19 10.37
CA PRO A 54 -26.03 -3.33 9.40
C PRO A 54 -27.39 -3.45 8.65
N ALA A 55 -28.49 -3.16 9.34
CA ALA A 55 -29.83 -3.29 8.76
C ALA A 55 -30.00 -2.39 7.55
N PHE A 56 -29.13 -1.38 7.45
CA PHE A 56 -29.22 -0.44 6.36
C PHE A 56 -28.21 -0.68 5.26
N ALA A 57 -27.33 -1.67 5.44
CA ALA A 57 -26.27 -1.97 4.46
C ALA A 57 -26.79 -1.96 3.03
N ASP A 58 -27.83 -2.74 2.77
CA ASP A 58 -28.30 -2.93 1.41
C ASP A 58 -29.13 -1.76 0.88
N ARG A 59 -29.51 -0.81 1.74
CA ARG A 59 -30.24 0.37 1.28
C ARG A 59 -29.33 1.45 0.67
N LEU A 60 -28.02 1.23 0.72
CA LEU A 60 -27.04 2.22 0.24
C LEU A 60 -26.44 1.77 -1.07
N PRO A 61 -25.98 2.74 -1.89
CA PRO A 61 -25.27 2.31 -3.09
C PRO A 61 -24.00 1.52 -2.73
N ALA A 62 -23.65 0.54 -3.56
CA ALA A 62 -22.35 -0.16 -3.51
C ALA A 62 -21.19 0.80 -3.21
N LEU A 63 -20.31 0.43 -2.29
CA LEU A 63 -19.12 1.27 -2.11
C LEU A 63 -18.16 1.09 -3.28
N SER A 64 -17.42 2.16 -3.61
CA SER A 64 -16.49 2.12 -4.74
C SER A 64 -15.14 1.68 -4.25
N GLY A 65 -14.28 1.33 -5.21
CA GLY A 65 -12.89 0.99 -4.92
C GLY A 65 -12.11 2.13 -4.30
N ASP A 66 -12.35 3.35 -4.76
CA ASP A 66 -11.67 4.49 -4.18
C ASP A 66 -12.16 4.71 -2.75
N GLU A 67 -13.46 4.56 -2.52
CA GLU A 67 -13.94 4.69 -1.15
C GLU A 67 -13.34 3.54 -0.30
N ASN A 68 -13.36 2.34 -0.83
CA ASN A 68 -12.81 1.20 -0.09
C ASN A 68 -11.31 1.40 0.29
N ASP A 69 -10.48 1.87 -0.64
CA ASP A 69 -9.06 2.12 -0.28
C ASP A 69 -8.90 3.20 0.77
N LEU A 70 -9.63 4.30 0.64
CA LEU A 70 -9.57 5.32 1.68
C LEU A 70 -9.93 4.77 3.06
N LEU A 71 -10.98 3.97 3.16
CA LEU A 71 -11.38 3.42 4.47
C LEU A 71 -10.34 2.47 5.08
N ASP A 72 -9.60 1.74 4.24
CA ASP A 72 -8.54 0.85 4.76
C ASP A 72 -7.41 1.56 5.45
N SER A 73 -7.30 2.87 5.27
CA SER A 73 -6.27 3.67 5.91
C SER A 73 -6.60 3.90 7.36
N SER A 74 -7.85 3.68 7.73
CA SER A 74 -8.32 3.95 9.09
C SER A 74 -8.20 2.70 9.96
N ASP A 75 -7.68 2.85 11.18
CA ASP A 75 -7.65 1.70 12.11
C ASP A 75 -9.02 1.35 12.66
N HIS A 76 -10.02 2.17 12.37
CA HIS A 76 -11.35 1.93 12.89
C HIS A 76 -12.31 1.44 11.82
N ARG A 77 -11.82 1.16 10.61
CA ARG A 77 -12.69 0.56 9.60
C ARG A 77 -13.29 -0.75 10.12
N THR A 78 -14.59 -0.90 9.90
CA THR A 78 -15.30 -2.17 10.11
C THR A 78 -15.99 -2.43 8.78
N PRO A 79 -16.65 -3.60 8.63
CA PRO A 79 -17.17 -3.84 7.29
C PRO A 79 -18.38 -2.98 6.99
N HIS A 80 -18.87 -2.26 7.98
CA HIS A 80 -19.98 -1.31 7.81
C HIS A 80 -19.57 0.16 7.68
N SER A 81 -18.27 0.36 7.50
CA SER A 81 -17.75 1.69 7.34
C SER A 81 -18.17 2.26 5.99
N ARG A 82 -18.54 3.53 5.97
CA ARG A 82 -18.73 4.24 4.71
C ARG A 82 -18.16 5.64 4.84
N LEU A 83 -17.77 6.23 3.72
CA LEU A 83 -17.47 7.65 3.66
C LEU A 83 -18.80 8.33 3.44
N SER A 84 -19.23 9.12 4.42
CA SER A 84 -20.56 9.77 4.32
C SER A 84 -20.71 10.78 3.17
N CYS A 85 -19.59 11.22 2.57
CA CYS A 85 -19.74 12.15 1.44
C CYS A 85 -20.04 11.35 0.17
N GLN A 86 -20.01 10.03 0.29
CA GLN A 86 -20.35 9.14 -0.84
C GLN A 86 -21.78 8.62 -0.79
N ILE A 87 -22.55 9.06 0.19
CA ILE A 87 -23.93 8.60 0.30
C ILE A 87 -24.92 9.75 0.03
N THR A 88 -25.73 9.58 -1.01
CA THR A 88 -26.77 10.53 -1.34
C THR A 88 -28.06 10.30 -0.55
N ILE A 89 -28.52 11.33 0.13
CA ILE A 89 -29.76 11.26 0.92
C ILE A 89 -30.98 11.04 -0.03
N ASN A 90 -31.85 10.09 0.33
CA ASN A 90 -33.06 9.79 -0.40
C ASN A 90 -34.00 9.02 0.55
N ASP A 91 -35.30 9.02 0.26
CA ASP A 91 -36.30 8.46 1.19
C ASP A 91 -36.09 6.99 1.55
N LYS A 92 -35.36 6.23 0.74
CA LYS A 92 -35.09 4.87 1.12
C LYS A 92 -34.18 4.80 2.37
N LEU A 93 -33.54 5.91 2.70
CA LEU A 93 -32.67 6.02 3.87
C LEU A 93 -33.46 6.48 5.08
N GLU A 94 -34.77 6.63 4.92
CA GLU A 94 -35.61 7.06 6.03
C GLU A 94 -35.35 6.17 7.22
N GLY A 95 -34.97 6.79 8.34
CA GLY A 95 -34.69 6.06 9.57
C GLY A 95 -33.27 5.55 9.69
N LEU A 96 -32.37 5.94 8.79
CA LEU A 96 -30.97 5.46 8.82
C LEU A 96 -30.32 5.73 10.18
N GLU A 97 -29.49 4.79 10.63
CA GLU A 97 -28.70 4.98 11.84
C GLU A 97 -27.22 4.99 11.46
N VAL A 98 -26.51 6.03 11.84
CA VAL A 98 -25.09 6.06 11.59
C VAL A 98 -24.33 6.45 12.84
N GLU A 99 -23.13 5.92 13.01
CA GLU A 99 -22.26 6.43 14.05
C GLU A 99 -21.02 7.12 13.44
N ILE A 100 -20.69 8.31 13.96
CA ILE A 100 -19.46 8.99 13.57
C ILE A 100 -18.28 8.15 14.01
N ALA A 101 -17.42 7.79 13.06
CA ALA A 101 -16.30 6.92 13.38
C ALA A 101 -15.30 7.65 14.29
N PRO A 102 -14.61 6.90 15.17
CA PRO A 102 -13.57 7.57 15.98
C PRO A 102 -12.50 8.17 15.04
N GLU A 103 -11.80 9.19 15.55
CA GLU A 103 -10.71 9.84 14.82
C GLU A 103 -9.53 8.93 14.49
N ASP A 104 -9.03 9.16 13.26
CA ASP A 104 -7.87 8.55 12.58
C ASP A 104 -8.30 7.52 11.52
N THR B 1 2.46 36.79 4.88
CA THR B 1 1.81 37.15 6.17
C THR B 1 2.37 36.30 7.34
N ALA B 2 1.88 36.54 8.55
CA ALA B 2 2.53 36.01 9.74
C ALA B 2 2.10 34.58 10.09
N ILE B 3 3.09 33.70 10.18
CA ILE B 3 2.89 32.29 10.55
C ILE B 3 3.71 31.99 11.78
N LEU B 4 3.12 31.28 12.73
CA LEU B 4 3.81 30.80 13.93
C LEU B 4 4.19 29.33 13.77
N VAL B 5 5.48 29.06 13.68
CA VAL B 5 5.93 27.71 13.41
C VAL B 5 6.63 27.11 14.61
N THR B 6 6.16 25.94 15.07
CA THR B 6 6.87 25.21 16.11
C THR B 6 7.70 24.10 15.47
N THR B 7 8.99 24.08 15.80
CA THR B 7 9.87 23.04 15.27
C THR B 7 9.75 21.73 16.07
N ARG B 8 10.44 20.69 15.62
CA ARG B 8 10.33 19.37 16.23
C ARG B 8 10.68 19.40 17.72
N ASP B 9 11.69 20.20 18.08
CA ASP B 9 12.15 20.37 19.47
C ASP B 9 11.29 21.29 20.34
N GLY B 10 10.14 21.75 19.84
CA GLY B 10 9.29 22.65 20.63
C GLY B 10 9.54 24.15 20.55
N THR B 11 10.65 24.58 19.96
CA THR B 11 10.87 26.02 19.87
C THR B 11 9.98 26.65 18.80
N ARG B 12 9.47 27.85 19.11
CA ARG B 12 8.50 28.54 18.28
C ARG B 12 9.13 29.78 17.64
N THR B 13 8.75 30.07 16.38
CA THR B 13 9.27 31.23 15.65
C THR B 13 8.16 31.87 14.84
N GLU B 14 8.02 33.18 14.96
CA GLU B 14 7.14 33.89 14.06
C GLU B 14 7.90 34.18 12.77
N ILE B 15 7.28 33.86 11.63
CA ILE B 15 7.86 34.21 10.34
C ILE B 15 6.88 35.08 9.54
N GLN B 16 7.44 35.91 8.68
CA GLN B 16 6.66 36.71 7.75
C GLN B 16 6.72 35.92 6.43
N ALA B 17 5.57 35.58 5.87
CA ALA B 17 5.55 34.68 4.69
C ALA B 17 4.96 35.38 3.47
N GLU B 18 5.71 35.37 2.37
CA GLU B 18 5.21 36.03 1.19
C GLU B 18 4.04 35.29 0.57
N PRO B 19 2.98 36.05 0.24
CA PRO B 19 1.83 35.51 -0.50
C PRO B 19 2.22 34.91 -1.85
N GLY B 20 1.59 33.79 -2.20
CA GLY B 20 1.89 33.11 -3.48
C GLY B 20 3.00 32.07 -3.42
N LEU B 21 3.90 32.16 -2.45
CA LEU B 21 4.82 31.03 -2.25
C LEU B 21 4.04 29.96 -1.50
N SER B 22 4.54 28.73 -1.53
CA SER B 22 4.01 27.67 -0.69
C SER B 22 4.49 27.84 0.76
N LEU B 23 3.74 27.25 1.67
CA LEU B 23 4.16 27.22 3.07
C LEU B 23 5.56 26.60 3.23
N MET B 24 5.85 25.52 2.51
CA MET B 24 7.17 24.90 2.54
C MET B 24 8.26 25.88 2.13
N GLU B 25 8.02 26.60 1.03
CA GLU B 25 8.97 27.60 0.56
C GLU B 25 9.14 28.71 1.59
N ALA B 26 8.04 29.16 2.20
CA ALA B 26 8.15 30.21 3.21
C ALA B 26 8.94 29.75 4.46
N LEU B 27 8.64 28.57 4.96
CA LEU B 27 9.36 27.96 6.06
C LEU B 27 10.87 27.83 5.79
N ARG B 28 11.23 27.36 4.61
CA ARG B 28 12.63 27.23 4.25
C ARG B 28 13.33 28.56 4.03
N ASP B 29 12.63 29.51 3.43
CA ASP B 29 13.15 30.87 3.27
C ASP B 29 13.45 31.49 4.63
N ALA B 30 12.68 31.11 5.65
CA ALA B 30 12.87 31.64 6.98
C ALA B 30 13.91 30.84 7.76
N GLY B 31 14.64 29.95 7.09
CA GLY B 31 15.67 29.15 7.75
C GLY B 31 15.23 27.94 8.60
N ILE B 32 13.99 27.50 8.46
CA ILE B 32 13.56 26.24 9.12
C ILE B 32 14.19 25.08 8.35
N ASP B 33 15.51 24.93 8.52
CA ASP B 33 16.33 24.00 7.77
C ASP B 33 15.96 22.55 7.98
N GLU B 34 15.34 22.24 9.11
CA GLU B 34 14.95 20.87 9.42
C GLU B 34 13.83 20.31 8.55
N LEU B 35 13.09 21.18 7.87
CA LEU B 35 12.00 20.74 7.00
C LEU B 35 12.60 20.35 5.67
N LEU B 36 12.93 19.07 5.50
CA LEU B 36 13.49 18.59 4.24
C LEU B 36 12.37 18.74 3.23
N ALA B 37 12.71 19.08 2.02
CA ALA B 37 11.63 19.07 1.06
C ALA B 37 12.13 18.20 -0.05
N LEU B 38 12.40 16.94 0.25
CA LEU B 38 13.18 16.10 -0.64
C LEU B 38 12.68 16.01 -2.08
N CYS B 39 11.37 16.02 -2.31
CA CYS B 39 10.90 15.97 -3.67
C CYS B 39 10.95 17.37 -4.35
N GLY B 40 11.10 18.43 -3.56
CA GLY B 40 11.31 19.78 -4.13
C GLY B 40 9.99 20.48 -4.29
N GLY B 41 9.03 20.11 -3.42
CA GLY B 41 7.68 20.64 -3.51
C GLY B 41 6.83 20.11 -4.66
N CYS B 42 7.08 18.90 -5.11
CA CYS B 42 6.24 18.37 -6.17
C CYS B 42 5.27 17.27 -5.68
N CYS B 43 4.87 17.32 -4.41
CA CYS B 43 3.87 16.37 -3.89
C CYS B 43 4.26 14.91 -4.18
N SER B 44 5.48 14.51 -3.87
CA SER B 44 5.88 13.14 -4.11
C SER B 44 6.61 12.53 -2.91
N CYS B 45 6.66 13.24 -1.78
CA CYS B 45 7.25 12.67 -0.59
C CYS B 45 6.42 13.13 0.61
N ALA B 46 6.85 12.80 1.82
CA ALA B 46 6.08 13.27 2.98
C ALA B 46 6.91 14.17 3.91
N THR B 47 7.99 14.74 3.37
CA THR B 47 9.01 15.35 4.24
C THR B 47 8.78 16.85 4.45
N CYS B 48 7.70 17.39 3.89
CA CYS B 48 7.28 18.75 4.18
C CYS B 48 6.01 18.79 5.07
N HIS B 49 5.69 17.62 5.61
CA HIS B 49 4.58 17.37 6.53
C HIS B 49 4.59 18.33 7.72
N VAL B 50 3.50 19.05 7.93
CA VAL B 50 3.30 19.87 9.13
C VAL B 50 1.94 19.55 9.76
N LEU B 51 1.83 19.79 11.07
CA LEU B 51 0.52 19.68 11.74
C LEU B 51 -0.09 21.05 11.86
N VAL B 52 -1.27 21.20 11.25
CA VAL B 52 -1.96 22.49 11.22
C VAL B 52 -2.90 22.65 12.44
N ALA B 53 -2.88 23.84 13.03
CA ALA B 53 -3.79 24.09 14.15
C ALA B 53 -5.26 23.90 13.71
N PRO B 54 -6.06 23.16 14.50
CA PRO B 54 -7.43 22.82 14.10
C PRO B 54 -8.30 24.03 13.74
N ALA B 55 -8.15 25.13 14.47
CA ALA B 55 -8.82 26.40 14.14
C ALA B 55 -8.66 26.82 12.67
N PHE B 56 -7.58 26.35 12.04
CA PHE B 56 -7.25 26.84 10.70
C PHE B 56 -7.67 25.93 9.55
N ALA B 57 -8.18 24.74 9.90
CA ALA B 57 -8.64 23.76 8.91
C ALA B 57 -9.54 24.36 7.86
N ASP B 58 -10.51 25.16 8.28
CA ASP B 58 -11.42 25.84 7.34
C ASP B 58 -10.74 26.87 6.41
N ARG B 59 -9.56 27.35 6.79
CA ARG B 59 -8.94 28.43 6.02
C ARG B 59 -7.98 27.91 4.97
N LEU B 60 -7.84 26.60 4.91
CA LEU B 60 -6.94 25.99 3.95
C LEU B 60 -7.78 25.38 2.84
N PRO B 61 -7.25 25.38 1.59
CA PRO B 61 -7.92 24.63 0.54
C PRO B 61 -7.91 23.14 0.85
N ALA B 62 -8.89 22.42 0.31
CA ALA B 62 -9.08 21.00 0.52
C ALA B 62 -7.82 20.25 0.13
N LEU B 63 -7.50 19.19 0.85
CA LEU B 63 -6.37 18.40 0.39
C LEU B 63 -6.77 17.50 -0.75
N SER B 64 -5.80 17.23 -1.63
CA SER B 64 -5.98 16.32 -2.74
C SER B 64 -5.75 14.87 -2.32
N GLY B 65 -6.11 13.94 -3.20
CA GLY B 65 -5.89 12.50 -2.98
C GLY B 65 -4.43 12.14 -2.92
N ASP B 66 -3.63 12.73 -3.78
CA ASP B 66 -2.21 12.46 -3.78
C ASP B 66 -1.56 12.94 -2.47
N GLU B 67 -1.88 14.15 -2.02
CA GLU B 67 -1.40 14.64 -0.74
C GLU B 67 -1.89 13.70 0.39
N ASN B 68 -3.16 13.33 0.34
CA ASN B 68 -3.70 12.45 1.37
C ASN B 68 -2.96 11.10 1.44
N ASP B 69 -2.70 10.50 0.28
CA ASP B 69 -1.95 9.24 0.20
C ASP B 69 -0.55 9.29 0.78
N LEU B 70 0.19 10.30 0.39
CA LEU B 70 1.52 10.55 0.90
C LEU B 70 1.51 10.79 2.42
N LEU B 71 0.59 11.59 2.94
CA LEU B 71 0.45 11.78 4.41
C LEU B 71 0.18 10.47 5.18
N ASP B 72 -0.56 9.56 4.55
CA ASP B 72 -0.81 8.24 5.16
C ASP B 72 0.42 7.38 5.34
N SER B 73 1.48 7.62 4.57
CA SER B 73 2.72 6.87 4.74
C SER B 73 3.39 7.19 6.06
N SER B 74 3.09 8.35 6.62
CA SER B 74 3.70 8.79 7.89
C SER B 74 2.99 8.23 9.11
N ASP B 75 3.73 7.59 10.00
CA ASP B 75 3.16 7.15 11.29
C ASP B 75 2.72 8.30 12.21
N HIS B 76 3.03 9.54 11.88
CA HIS B 76 2.63 10.66 12.73
C HIS B 76 1.48 11.44 12.12
N ARG B 77 0.86 10.91 11.06
CA ARG B 77 -0.25 11.62 10.44
C ARG B 77 -1.40 11.75 11.44
N THR B 78 -2.04 12.91 11.42
CA THR B 78 -3.25 13.16 12.19
C THR B 78 -4.27 13.76 11.23
N PRO B 79 -5.53 13.89 11.68
CA PRO B 79 -6.52 14.52 10.80
C PRO B 79 -6.12 15.90 10.31
N HIS B 80 -5.25 16.60 11.06
CA HIS B 80 -4.84 17.98 10.72
C HIS B 80 -3.50 18.11 9.99
N SER B 81 -2.90 16.96 9.67
CA SER B 81 -1.69 16.92 8.88
C SER B 81 -1.90 17.56 7.51
N ARG B 82 -0.93 18.34 7.07
CA ARG B 82 -0.84 18.83 5.68
C ARG B 82 0.60 18.72 5.14
N LEU B 83 0.75 18.56 3.83
CA LEU B 83 2.04 18.77 3.19
C LEU B 83 2.19 20.27 2.96
N SER B 84 3.18 20.88 3.60
CA SER B 84 3.32 22.34 3.52
C SER B 84 3.56 22.85 2.10
N CYS B 85 4.10 22.00 1.22
CA CYS B 85 4.30 22.46 -0.17
C CYS B 85 3.01 22.51 -0.96
N GLN B 86 1.91 22.07 -0.36
CA GLN B 86 0.62 22.10 -1.04
C GLN B 86 -0.22 23.30 -0.60
N ILE B 87 0.29 24.08 0.36
CA ILE B 87 -0.45 25.21 0.88
C ILE B 87 0.13 26.51 0.30
N THR B 88 -0.67 27.25 -0.46
CA THR B 88 -0.32 28.57 -0.99
C THR B 88 -0.59 29.67 0.06
N ILE B 89 0.47 30.41 0.43
CA ILE B 89 0.36 31.58 1.35
C ILE B 89 -0.55 32.68 0.79
N ASN B 90 -1.46 33.17 1.64
CA ASN B 90 -2.40 34.24 1.34
C ASN B 90 -2.99 34.82 2.64
N ASP B 91 -3.60 36.00 2.55
CA ASP B 91 -4.04 36.72 3.77
C ASP B 91 -4.93 35.89 4.70
N LYS B 92 -5.67 34.94 4.16
CA LYS B 92 -6.59 34.17 4.99
C LYS B 92 -5.85 33.24 5.95
N LEU B 93 -4.52 33.13 5.79
CA LEU B 93 -3.65 32.32 6.68
C LEU B 93 -2.97 33.17 7.75
N GLU B 94 -3.26 34.47 7.77
CA GLU B 94 -2.70 35.37 8.78
C GLU B 94 -2.86 34.71 10.15
N GLY B 95 -1.76 34.55 10.85
CA GLY B 95 -1.79 33.94 12.19
C GLY B 95 -1.76 32.42 12.21
N LEU B 96 -1.53 31.78 11.07
CA LEU B 96 -1.54 30.32 11.03
C LEU B 96 -0.53 29.73 12.01
N GLU B 97 -0.98 28.73 12.76
CA GLU B 97 -0.07 27.96 13.59
C GLU B 97 0.18 26.59 12.98
N VAL B 98 1.46 26.23 12.84
CA VAL B 98 1.82 24.92 12.34
C VAL B 98 2.96 24.36 13.14
N GLU B 99 2.93 23.05 13.30
CA GLU B 99 4.04 22.34 13.86
C GLU B 99 4.69 21.43 12.81
N ILE B 100 6.01 21.47 12.73
CA ILE B 100 6.74 20.57 11.87
C ILE B 100 6.47 19.16 12.38
N ALA B 101 6.01 18.25 11.52
CA ALA B 101 5.75 16.87 11.96
C ALA B 101 7.03 16.14 12.38
N PRO B 102 6.91 15.26 13.41
CA PRO B 102 8.04 14.42 13.77
C PRO B 102 8.50 13.59 12.56
N GLU B 103 9.79 13.26 12.52
CA GLU B 103 10.41 12.55 11.40
C GLU B 103 9.81 11.19 11.04
N ASP B 104 9.73 10.96 9.73
CA ASP B 104 9.08 9.81 9.01
C ASP B 104 7.59 10.07 8.67
N THR C 1 35.04 11.75 -9.00
CA THR C 1 34.91 12.69 -7.86
C THR C 1 34.60 11.91 -6.57
N ALA C 2 34.98 12.47 -5.43
CA ALA C 2 35.19 11.71 -4.22
C ALA C 2 33.91 11.49 -3.40
N ILE C 3 33.60 10.23 -3.14
CA ILE C 3 32.48 9.87 -2.29
C ILE C 3 33.02 9.07 -1.11
N LEU C 4 32.58 9.44 0.10
CA LEU C 4 32.92 8.72 1.31
C LEU C 4 31.79 7.75 1.65
N VAL C 5 32.03 6.45 1.44
CA VAL C 5 30.97 5.49 1.66
C VAL C 5 31.19 4.62 2.89
N THR C 6 30.18 4.60 3.76
CA THR C 6 30.17 3.76 4.93
C THR C 6 29.39 2.52 4.55
N THR C 7 30.05 1.37 4.63
CA THR C 7 29.47 0.07 4.32
C THR C 7 28.69 -0.42 5.53
N ARG C 8 27.96 -1.52 5.39
CA ARG C 8 27.09 -2.03 6.44
C ARG C 8 27.87 -2.40 7.70
N ASP C 9 29.15 -2.76 7.57
CA ASP C 9 29.99 -3.08 8.75
C ASP C 9 30.42 -1.86 9.57
N GLY C 10 30.10 -0.66 9.08
CA GLY C 10 30.42 0.58 9.82
C GLY C 10 31.75 1.22 9.43
N THR C 11 32.52 0.51 8.61
CA THR C 11 33.77 1.01 8.11
C THR C 11 33.54 1.91 6.89
N ARG C 12 34.50 2.75 6.55
CA ARG C 12 34.30 3.69 5.47
C ARG C 12 35.49 3.88 4.51
N THR C 13 35.14 4.00 3.23
CA THR C 13 36.11 4.12 2.15
C THR C 13 35.82 5.40 1.38
N GLU C 14 36.88 6.04 0.91
CA GLU C 14 36.73 7.10 -0.04
C GLU C 14 36.91 6.47 -1.41
N ILE C 15 35.91 6.61 -2.30
CA ILE C 15 36.05 6.13 -3.68
C ILE C 15 36.06 7.29 -4.67
N GLN C 16 36.54 6.98 -5.87
CA GLN C 16 36.46 7.89 -7.00
C GLN C 16 35.29 7.49 -7.86
N ALA C 17 34.45 8.46 -8.19
CA ALA C 17 33.25 8.20 -8.96
C ALA C 17 33.28 9.06 -10.19
N GLU C 18 33.08 8.40 -11.33
CA GLU C 18 33.11 9.07 -12.61
C GLU C 18 31.82 9.88 -12.87
N PRO C 19 31.96 11.17 -13.17
CA PRO C 19 30.81 12.00 -13.54
C PRO C 19 29.94 11.35 -14.61
N GLY C 20 28.62 11.45 -14.46
CA GLY C 20 27.71 10.83 -15.42
C GLY C 20 27.21 9.43 -15.13
N LEU C 21 27.97 8.64 -14.36
CA LEU C 21 27.47 7.35 -13.86
C LEU C 21 26.43 7.58 -12.76
N SER C 22 25.64 6.56 -12.42
CA SER C 22 24.86 6.65 -11.16
C SER C 22 25.74 6.32 -9.97
N LEU C 23 25.29 6.71 -8.78
CA LEU C 23 25.98 6.38 -7.57
C LEU C 23 26.03 4.84 -7.46
N MET C 24 24.95 4.16 -7.83
CA MET C 24 24.91 2.72 -7.74
C MET C 24 26.06 2.13 -8.56
N GLU C 25 26.18 2.56 -9.82
CA GLU C 25 27.25 2.08 -10.71
C GLU C 25 28.63 2.47 -10.22
N ALA C 26 28.76 3.69 -9.69
CA ALA C 26 30.04 4.11 -9.12
C ALA C 26 30.46 3.19 -7.98
N LEU C 27 29.56 3.04 -7.01
CA LEU C 27 29.77 2.15 -5.89
C LEU C 27 30.22 0.77 -6.32
N ARG C 28 29.55 0.19 -7.30
CA ARG C 28 29.87 -1.18 -7.73
C ARG C 28 31.23 -1.30 -8.45
N ASP C 29 31.55 -0.33 -9.31
CA ASP C 29 32.87 -0.24 -9.97
C ASP C 29 34.01 -0.07 -8.97
N ALA C 30 33.71 0.53 -7.83
CA ALA C 30 34.69 0.64 -6.76
C ALA C 30 34.74 -0.61 -5.89
N GLY C 31 33.95 -1.64 -6.23
CA GLY C 31 33.97 -2.91 -5.49
C GLY C 31 33.14 -2.97 -4.21
N ILE C 32 32.14 -2.11 -4.06
CA ILE C 32 31.21 -2.22 -2.93
C ILE C 32 30.13 -3.28 -3.24
N ASP C 33 30.54 -4.55 -3.19
CA ASP C 33 29.69 -5.68 -3.59
C ASP C 33 28.49 -5.93 -2.66
N GLU C 34 28.56 -5.48 -1.41
CA GLU C 34 27.41 -5.39 -0.48
C GLU C 34 26.13 -4.97 -1.22
N LEU C 35 26.26 -3.96 -2.07
CA LEU C 35 25.12 -3.29 -2.67
C LEU C 35 24.55 -4.04 -3.87
N LEU C 36 23.40 -4.68 -3.66
CA LEU C 36 22.74 -5.41 -4.73
C LEU C 36 21.98 -4.40 -5.59
N ALA C 37 21.86 -4.70 -6.87
CA ALA C 37 21.08 -3.84 -7.71
C ALA C 37 20.16 -4.79 -8.44
N LEU C 38 19.34 -5.47 -7.65
CA LEU C 38 18.48 -6.52 -8.16
C LEU C 38 17.83 -6.17 -9.52
N CYS C 39 17.25 -4.97 -9.64
CA CYS C 39 16.51 -4.64 -10.86
C CYS C 39 17.45 -4.07 -11.93
N GLY C 40 18.70 -3.86 -11.53
CA GLY C 40 19.73 -3.40 -12.44
C GLY C 40 19.65 -1.91 -12.73
N GLY C 41 19.20 -1.13 -11.73
CA GLY C 41 19.20 0.32 -11.81
C GLY C 41 18.05 0.95 -12.60
N CYS C 42 16.94 0.25 -12.72
CA CYS C 42 15.77 0.81 -13.43
C CYS C 42 14.62 1.22 -12.43
N CYS C 43 14.98 1.55 -11.19
CA CYS C 43 14.01 2.06 -10.22
C CYS C 43 12.83 1.11 -9.97
N SER C 44 13.09 -0.17 -9.74
CA SER C 44 12.01 -1.13 -9.53
C SER C 44 12.26 -2.03 -8.33
N CYS C 45 13.30 -1.73 -7.57
CA CYS C 45 13.54 -2.48 -6.32
C CYS C 45 14.07 -1.52 -5.27
N ALA C 46 14.42 -2.02 -4.11
CA ALA C 46 14.93 -1.08 -3.13
C ALA C 46 16.30 -1.53 -2.66
N THR C 47 16.98 -2.30 -3.51
CA THR C 47 18.22 -2.94 -3.06
C THR C 47 19.45 -2.05 -3.22
N CYS C 48 19.34 -0.95 -3.95
CA CYS C 48 20.44 0.00 -4.06
C CYS C 48 20.32 1.16 -3.03
N HIS C 49 19.44 0.97 -2.05
CA HIS C 49 19.15 1.91 -0.96
C HIS C 49 20.41 2.44 -0.17
N VAL C 50 20.60 3.76 -0.12
CA VAL C 50 21.66 4.35 0.67
C VAL C 50 21.09 5.45 1.54
N LEU C 51 21.77 5.83 2.60
CA LEU C 51 21.35 6.90 3.49
C LEU C 51 22.29 8.06 3.28
N VAL C 52 21.72 9.21 2.92
CA VAL C 52 22.53 10.37 2.57
C VAL C 52 22.76 11.25 3.80
N ALA C 53 24.01 11.67 3.99
CA ALA C 53 24.33 12.49 5.14
C ALA C 53 23.55 13.80 5.04
N PRO C 54 22.91 14.18 6.15
CA PRO C 54 22.04 15.36 6.17
C PRO C 54 22.61 16.59 5.44
N ALA C 55 23.90 16.89 5.65
CA ALA C 55 24.52 18.08 5.00
C ALA C 55 24.50 18.06 3.48
N PHE C 56 24.31 16.90 2.87
CA PHE C 56 24.28 16.81 1.41
C PHE C 56 22.90 16.79 0.73
N ALA C 57 21.83 16.70 1.53
CA ALA C 57 20.46 16.60 0.98
C ALA C 57 20.21 17.57 -0.18
N ASP C 58 20.49 18.85 0.06
CA ASP C 58 20.43 19.95 -0.90
C ASP C 58 21.15 19.68 -2.23
N ARG C 59 22.18 18.83 -2.20
CA ARG C 59 23.13 18.72 -3.30
C ARG C 59 22.73 17.64 -4.30
N LEU C 60 21.64 16.96 -4.02
CA LEU C 60 21.17 15.88 -4.90
C LEU C 60 19.96 16.37 -5.68
N PRO C 61 19.65 15.71 -6.81
CA PRO C 61 18.38 16.10 -7.42
C PRO C 61 17.18 15.65 -6.55
N ALA C 62 16.07 16.37 -6.69
CA ALA C 62 14.80 15.99 -6.09
C ALA C 62 14.50 14.49 -6.20
N LEU C 63 13.98 13.96 -5.10
CA LEU C 63 13.42 12.62 -4.99
C LEU C 63 12.19 12.49 -5.92
N SER C 64 12.08 11.41 -6.71
CA SER C 64 10.85 11.11 -7.47
C SER C 64 9.82 10.32 -6.63
N GLY C 65 8.57 10.29 -7.10
CA GLY C 65 7.47 9.56 -6.45
C GLY C 65 7.71 8.07 -6.47
N ASP C 66 8.29 7.60 -7.55
CA ASP C 66 8.56 6.18 -7.68
C ASP C 66 9.66 5.72 -6.77
N GLU C 67 10.72 6.52 -6.68
CA GLU C 67 11.81 6.29 -5.78
C GLU C 67 11.20 6.37 -4.36
N ASN C 68 10.37 7.38 -4.10
CA ASN C 68 9.75 7.49 -2.77
C ASN C 68 8.94 6.24 -2.38
N ASP C 69 8.15 5.74 -3.31
CA ASP C 69 7.36 4.52 -3.09
C ASP C 69 8.19 3.29 -2.82
N LEU C 70 9.26 3.12 -3.60
CA LEU C 70 10.10 1.96 -3.42
C LEU C 70 10.76 2.00 -2.03
N LEU C 71 11.23 3.18 -1.64
CA LEU C 71 11.97 3.32 -0.38
C LEU C 71 11.10 3.03 0.83
N ASP C 72 9.81 3.39 0.77
CA ASP C 72 8.85 3.10 1.85
C ASP C 72 8.64 1.63 2.14
N SER C 73 8.98 0.79 1.17
CA SER C 73 8.89 -0.64 1.38
C SER C 73 9.98 -1.14 2.31
N SER C 74 11.02 -0.33 2.54
CA SER C 74 12.15 -0.76 3.39
C SER C 74 11.96 -0.39 4.87
N ASP C 75 12.08 -1.37 5.76
CA ASP C 75 12.04 -1.08 7.23
C ASP C 75 13.16 -0.14 7.69
N HIS C 76 14.19 0.06 6.88
CA HIS C 76 15.29 0.89 7.32
C HIS C 76 15.29 2.27 6.66
N ARG C 77 14.20 2.64 5.99
CA ARG C 77 14.14 3.96 5.33
C ARG C 77 14.14 5.04 6.38
N THR C 78 14.80 6.14 6.06
CA THR C 78 14.77 7.34 6.86
C THR C 78 14.50 8.46 5.89
N PRO C 79 14.22 9.68 6.39
CA PRO C 79 13.95 10.78 5.45
C PRO C 79 15.15 11.12 4.58
N HIS C 80 16.33 10.59 4.89
CA HIS C 80 17.51 10.85 4.05
C HIS C 80 17.83 9.68 3.14
N SER C 81 16.92 8.72 3.08
CA SER C 81 17.11 7.55 2.20
C SER C 81 17.05 7.95 0.73
N ARG C 82 17.92 7.37 -0.09
CA ARG C 82 17.84 7.55 -1.53
C ARG C 82 18.18 6.23 -2.16
N LEU C 83 17.64 5.98 -3.36
CA LEU C 83 18.10 4.90 -4.20
C LEU C 83 19.36 5.38 -4.99
N SER C 84 20.49 4.73 -4.78
CA SER C 84 21.74 5.19 -5.42
C SER C 84 21.72 5.09 -6.94
N CYS C 85 20.89 4.21 -7.52
CA CYS C 85 20.83 4.17 -9.02
C CYS C 85 20.07 5.34 -9.59
N GLN C 86 19.43 6.12 -8.73
CA GLN C 86 18.70 7.31 -9.15
C GLN C 86 19.56 8.56 -9.09
N ILE C 87 20.73 8.48 -8.46
CA ILE C 87 21.63 9.64 -8.30
C ILE C 87 22.75 9.71 -9.38
N THR C 88 22.70 10.72 -10.25
CA THR C 88 23.78 10.95 -11.22
C THR C 88 24.99 11.64 -10.57
N ILE C 89 26.19 11.07 -10.79
CA ILE C 89 27.42 11.58 -10.20
C ILE C 89 27.84 12.87 -10.94
N ASN C 90 28.12 13.92 -10.18
CA ASN C 90 28.62 15.18 -10.72
C ASN C 90 29.39 15.98 -9.67
N ASP C 91 30.15 16.98 -10.12
CA ASP C 91 31.04 17.77 -9.26
C ASP C 91 30.35 18.29 -8.00
N LYS C 92 29.04 18.56 -8.08
CA LYS C 92 28.35 19.06 -6.91
C LYS C 92 28.28 18.02 -5.76
N LEU C 93 28.56 16.76 -6.08
CA LEU C 93 28.53 15.67 -5.08
C LEU C 93 29.89 15.46 -4.44
N GLU C 94 30.84 16.34 -4.76
CA GLU C 94 32.21 16.23 -4.27
C GLU C 94 32.22 16.11 -2.74
N GLY C 95 32.77 15.00 -2.23
CA GLY C 95 32.83 14.75 -0.78
C GLY C 95 31.54 14.19 -0.19
N LEU C 96 30.64 13.69 -1.04
CA LEU C 96 29.35 13.13 -0.60
C LEU C 96 29.58 12.04 0.43
N GLU C 97 28.90 12.14 1.57
CA GLU C 97 28.89 11.05 2.55
C GLU C 97 27.59 10.21 2.45
N VAL C 98 27.75 8.92 2.14
CA VAL C 98 26.62 7.99 2.10
C VAL C 98 26.94 6.75 2.90
N GLU C 99 25.89 6.12 3.43
CA GLU C 99 25.98 4.88 4.15
C GLU C 99 25.06 3.87 3.46
N ILE C 100 25.57 2.68 3.17
CA ILE C 100 24.79 1.60 2.62
C ILE C 100 23.75 1.19 3.66
N ALA C 101 22.48 1.23 3.28
CA ALA C 101 21.39 0.94 4.20
C ALA C 101 21.41 -0.52 4.59
N PRO C 102 20.97 -0.82 5.83
CA PRO C 102 20.89 -2.25 6.16
C PRO C 102 19.97 -2.98 5.17
N GLU C 103 20.16 -4.28 5.05
CA GLU C 103 19.37 -5.11 4.15
C GLU C 103 17.94 -5.27 4.62
N ASP C 104 17.03 -5.23 3.63
CA ASP C 104 15.53 -5.22 3.69
C ASP C 104 14.89 -3.84 3.40
N THR D 1 -23.19 -27.43 -8.89
CA THR D 1 -24.41 -26.84 -8.30
C THR D 1 -24.48 -27.03 -6.78
N ALA D 2 -24.05 -28.19 -6.26
CA ALA D 2 -24.01 -28.40 -4.79
C ALA D 2 -22.67 -27.94 -4.18
N ILE D 3 -22.75 -27.07 -3.18
CA ILE D 3 -21.55 -26.48 -2.59
C ILE D 3 -21.66 -26.55 -1.08
N LEU D 4 -20.57 -26.91 -0.42
CA LEU D 4 -20.62 -27.06 1.01
C LEU D 4 -19.93 -25.88 1.64
N VAL D 5 -20.68 -25.09 2.39
CA VAL D 5 -20.13 -23.88 2.97
C VAL D 5 -19.96 -24.01 4.48
N THR D 6 -18.79 -23.61 4.94
CA THR D 6 -18.49 -23.57 6.35
C THR D 6 -18.62 -22.11 6.73
N THR D 7 -19.65 -21.78 7.51
CA THR D 7 -19.87 -20.43 8.01
C THR D 7 -18.84 -20.06 9.06
N ARG D 8 -18.89 -18.81 9.56
CA ARG D 8 -17.89 -18.33 10.53
C ARG D 8 -17.90 -19.09 11.86
N ASP D 9 -19.06 -19.59 12.29
CA ASP D 9 -19.15 -20.41 13.52
C ASP D 9 -18.56 -21.80 13.35
N GLY D 10 -18.29 -22.21 12.12
CA GLY D 10 -17.66 -23.51 11.89
C GLY D 10 -18.62 -24.59 11.43
N THR D 11 -19.93 -24.28 11.41
CA THR D 11 -20.92 -25.23 10.91
C THR D 11 -20.90 -25.34 9.38
N ARG D 12 -21.28 -26.51 8.89
CA ARG D 12 -21.23 -26.82 7.48
C ARG D 12 -22.64 -27.04 6.96
N THR D 13 -22.93 -26.44 5.80
CA THR D 13 -24.24 -26.54 5.17
C THR D 13 -24.07 -26.65 3.68
N GLU D 14 -24.84 -27.54 3.09
CA GLU D 14 -24.80 -27.71 1.66
C GLU D 14 -25.85 -26.79 1.03
N ILE D 15 -25.48 -26.11 -0.04
CA ILE D 15 -26.44 -25.28 -0.77
C ILE D 15 -26.48 -25.68 -2.24
N GLN D 16 -27.55 -25.30 -2.91
CA GLN D 16 -27.63 -25.40 -4.36
C GLN D 16 -27.20 -24.07 -4.95
N ALA D 17 -26.55 -24.11 -6.11
CA ALA D 17 -26.03 -22.93 -6.75
C ALA D 17 -26.22 -23.03 -8.25
N GLU D 18 -26.99 -22.10 -8.81
CA GLU D 18 -27.27 -22.04 -10.24
C GLU D 18 -26.00 -21.69 -11.02
N PRO D 19 -25.67 -22.45 -12.08
CA PRO D 19 -24.60 -22.05 -12.99
C PRO D 19 -24.76 -20.61 -13.51
N GLY D 20 -23.66 -19.88 -13.67
CA GLY D 20 -23.69 -18.57 -14.29
C GLY D 20 -23.75 -17.47 -13.27
N LEU D 21 -24.32 -17.78 -12.10
CA LEU D 21 -24.24 -16.87 -10.97
C LEU D 21 -22.82 -16.85 -10.45
N SER D 22 -22.44 -15.78 -9.74
CA SER D 22 -21.20 -15.85 -8.96
C SER D 22 -21.43 -16.64 -7.68
N LEU D 23 -20.34 -17.18 -7.15
CA LEU D 23 -20.38 -17.84 -5.85
C LEU D 23 -21.00 -16.94 -4.78
N MET D 24 -20.62 -15.67 -4.76
CA MET D 24 -21.17 -14.68 -3.82
C MET D 24 -22.70 -14.63 -3.91
N GLU D 25 -23.21 -14.41 -5.12
CA GLU D 25 -24.65 -14.44 -5.43
C GLU D 25 -25.34 -15.72 -4.97
N ALA D 26 -24.76 -16.87 -5.32
CA ALA D 26 -25.27 -18.15 -4.87
C ALA D 26 -25.31 -18.27 -3.34
N LEU D 27 -24.25 -17.85 -2.66
CA LEU D 27 -24.18 -17.93 -1.20
C LEU D 27 -25.27 -17.04 -0.63
N ARG D 28 -25.34 -15.83 -1.16
CA ARG D 28 -26.38 -14.89 -0.70
C ARG D 28 -27.79 -15.38 -0.99
N ASP D 29 -28.06 -15.87 -2.20
CA ASP D 29 -29.39 -16.39 -2.53
C ASP D 29 -29.82 -17.54 -1.58
N ALA D 30 -28.89 -18.42 -1.27
CA ALA D 30 -29.14 -19.54 -0.36
C ALA D 30 -29.23 -19.09 1.10
N GLY D 31 -29.22 -17.78 1.33
CA GLY D 31 -29.38 -17.26 2.67
C GLY D 31 -28.18 -17.31 3.61
N ILE D 32 -26.96 -17.41 3.08
CA ILE D 32 -25.76 -17.20 3.94
C ILE D 32 -25.54 -15.68 4.11
N ASP D 33 -26.43 -15.05 4.89
CA ASP D 33 -26.46 -13.58 5.07
C ASP D 33 -25.23 -12.97 5.74
N GLU D 34 -24.52 -13.78 6.50
CA GLU D 34 -23.18 -13.50 6.98
C GLU D 34 -22.27 -12.78 5.97
N LEU D 35 -22.39 -13.18 4.70
CA LEU D 35 -21.43 -12.77 3.70
C LEU D 35 -21.87 -11.46 3.09
N LEU D 36 -21.20 -10.38 3.46
CA LEU D 36 -21.52 -9.08 2.88
C LEU D 36 -20.86 -8.94 1.51
N ALA D 37 -21.50 -8.18 0.66
CA ALA D 37 -20.93 -7.89 -0.64
C ALA D 37 -20.93 -6.40 -0.75
N LEU D 38 -20.15 -5.72 0.07
CA LEU D 38 -20.28 -4.26 0.13
C LEU D 38 -20.21 -3.58 -1.23
N CYS D 39 -19.43 -4.13 -2.13
CA CYS D 39 -19.23 -3.44 -3.38
C CYS D 39 -20.23 -3.94 -4.41
N GLY D 40 -21.05 -4.92 -4.05
CA GLY D 40 -22.04 -5.45 -5.00
C GLY D 40 -21.47 -6.41 -6.03
N GLY D 41 -20.35 -7.05 -5.72
CA GLY D 41 -19.72 -8.01 -6.61
C GLY D 41 -18.97 -7.35 -7.74
N CYS D 42 -18.45 -6.17 -7.51
CA CYS D 42 -17.70 -5.52 -8.58
C CYS D 42 -16.19 -5.51 -8.29
N CYS D 43 -15.72 -6.45 -7.47
CA CYS D 43 -14.29 -6.63 -7.21
C CYS D 43 -13.65 -5.33 -6.72
N SER D 44 -14.25 -4.67 -5.73
CA SER D 44 -13.68 -3.44 -5.21
C SER D 44 -13.66 -3.39 -3.69
N CYS D 45 -13.91 -4.52 -3.03
CA CYS D 45 -13.90 -4.61 -1.57
C CYS D 45 -13.36 -5.98 -1.22
N ALA D 46 -13.38 -6.34 0.05
CA ALA D 46 -12.88 -7.69 0.37
C ALA D 46 -13.91 -8.49 1.19
N THR D 47 -15.15 -8.05 1.17
CA THR D 47 -16.13 -8.55 2.14
C THR D 47 -16.72 -9.90 1.73
N CYS D 48 -16.60 -10.25 0.46
CA CYS D 48 -17.06 -11.54 -0.04
C CYS D 48 -15.97 -12.64 0.02
N HIS D 49 -14.88 -12.33 0.73
CA HIS D 49 -13.74 -13.22 0.90
C HIS D 49 -14.16 -14.62 1.41
N VAL D 50 -13.86 -15.67 0.63
CA VAL D 50 -13.98 -17.05 1.15
C VAL D 50 -12.64 -17.80 1.05
N LEU D 51 -12.54 -18.88 1.81
CA LEU D 51 -11.36 -19.73 1.81
C LEU D 51 -11.75 -21.02 1.10
N VAL D 52 -11.01 -21.32 0.05
CA VAL D 52 -11.32 -22.43 -0.84
C VAL D 52 -10.49 -23.66 -0.46
N ALA D 53 -11.15 -24.75 -0.13
CA ALA D 53 -10.44 -26.01 0.15
C ALA D 53 -9.39 -26.30 -0.94
N PRO D 54 -8.13 -26.52 -0.53
CA PRO D 54 -7.03 -26.73 -1.48
C PRO D 54 -7.31 -27.67 -2.64
N ALA D 55 -8.13 -28.70 -2.44
CA ALA D 55 -8.39 -29.66 -3.50
C ALA D 55 -9.20 -29.11 -4.69
N PHE D 56 -9.80 -27.94 -4.52
CA PHE D 56 -10.54 -27.33 -5.64
C PHE D 56 -9.77 -26.25 -6.36
N ALA D 57 -8.59 -25.88 -5.85
CA ALA D 57 -7.82 -24.75 -6.42
C ALA D 57 -7.71 -24.85 -7.94
N ASP D 58 -7.25 -26.02 -8.40
CA ASP D 58 -7.14 -26.39 -9.82
C ASP D 58 -8.41 -26.12 -10.62
N ARG D 59 -9.58 -26.34 -10.01
CA ARG D 59 -10.87 -26.25 -10.70
C ARG D 59 -11.39 -24.82 -10.88
N LEU D 60 -10.70 -23.87 -10.29
CA LEU D 60 -11.11 -22.47 -10.36
C LEU D 60 -10.26 -21.74 -11.36
N PRO D 61 -10.84 -20.77 -12.05
CA PRO D 61 -10.01 -19.91 -12.88
C PRO D 61 -8.99 -19.14 -12.02
N ALA D 62 -7.82 -18.92 -12.59
CA ALA D 62 -6.78 -18.02 -12.11
C ALA D 62 -7.36 -16.76 -11.47
N LEU D 63 -6.90 -16.43 -10.25
CA LEU D 63 -7.24 -15.10 -9.69
C LEU D 63 -6.49 -14.02 -10.44
N SER D 64 -7.10 -12.84 -10.51
CA SER D 64 -6.53 -11.68 -11.18
C SER D 64 -5.70 -10.89 -10.18
N GLY D 65 -4.89 -9.98 -10.70
CA GLY D 65 -4.11 -9.04 -9.91
C GLY D 65 -4.98 -8.17 -9.03
N ASP D 66 -6.10 -7.72 -9.57
CA ASP D 66 -6.99 -6.86 -8.78
C ASP D 66 -7.55 -7.63 -7.61
N GLU D 67 -8.01 -8.86 -7.86
CA GLU D 67 -8.52 -9.71 -6.78
C GLU D 67 -7.39 -10.00 -5.76
N ASN D 68 -6.20 -10.24 -6.25
CA ASN D 68 -5.09 -10.54 -5.35
C ASN D 68 -4.79 -9.36 -4.41
N ASP D 69 -4.82 -8.14 -4.95
CA ASP D 69 -4.50 -6.95 -4.13
C ASP D 69 -5.56 -6.72 -3.09
N LEU D 70 -6.81 -6.94 -3.43
CA LEU D 70 -7.87 -6.76 -2.45
C LEU D 70 -7.79 -7.77 -1.33
N LEU D 71 -7.43 -9.01 -1.64
CA LEU D 71 -7.30 -10.02 -0.61
C LEU D 71 -6.15 -9.75 0.35
N ASP D 72 -5.11 -9.03 -0.09
CA ASP D 72 -3.96 -8.76 0.78
C ASP D 72 -4.30 -7.76 1.84
N SER D 73 -5.39 -7.02 1.63
CA SER D 73 -5.83 -6.06 2.61
C SER D 73 -6.49 -6.76 3.78
N SER D 74 -6.82 -8.03 3.66
CA SER D 74 -7.40 -8.74 4.81
C SER D 74 -6.33 -9.43 5.64
N ASP D 75 -6.44 -9.34 6.96
CA ASP D 75 -5.53 -10.03 7.88
C ASP D 75 -5.69 -11.56 7.89
N HIS D 76 -6.71 -12.07 7.20
CA HIS D 76 -6.99 -13.50 7.23
C HIS D 76 -6.77 -14.13 5.86
N ARG D 77 -6.18 -13.39 4.93
CA ARG D 77 -5.86 -13.96 3.64
C ARG D 77 -4.96 -15.17 3.81
N THR D 78 -5.23 -16.20 3.04
CA THR D 78 -4.31 -17.31 2.95
C THR D 78 -4.07 -17.52 1.45
N PRO D 79 -3.15 -18.43 1.11
CA PRO D 79 -2.94 -18.59 -0.31
C PRO D 79 -4.15 -19.23 -1.01
N HIS D 80 -5.14 -19.70 -0.24
CA HIS D 80 -6.36 -20.24 -0.83
C HIS D 80 -7.57 -19.32 -0.78
N SER D 81 -7.34 -18.07 -0.37
CA SER D 81 -8.40 -17.08 -0.30
C SER D 81 -8.89 -16.76 -1.70
N ARG D 82 -10.19 -16.58 -1.87
CA ARG D 82 -10.75 -16.03 -3.11
C ARG D 82 -11.85 -15.04 -2.76
N LEU D 83 -12.08 -14.10 -3.66
CA LEU D 83 -13.27 -13.27 -3.60
C LEU D 83 -14.38 -14.07 -4.24
N SER D 84 -15.41 -14.42 -3.48
CA SER D 84 -16.50 -15.25 -4.02
C SER D 84 -17.26 -14.64 -5.22
N CYS D 85 -17.21 -13.30 -5.34
CA CYS D 85 -17.90 -12.65 -6.44
C CYS D 85 -17.11 -12.79 -7.74
N GLN D 86 -15.84 -13.17 -7.63
CA GLN D 86 -15.05 -13.47 -8.84
C GLN D 86 -15.18 -14.87 -9.40
N ILE D 87 -16.01 -15.72 -8.78
CA ILE D 87 -16.05 -17.14 -9.15
C ILE D 87 -17.39 -17.47 -9.76
N THR D 88 -17.38 -17.84 -11.03
CA THR D 88 -18.61 -18.23 -11.71
C THR D 88 -18.99 -19.69 -11.42
N ILE D 89 -20.24 -19.91 -11.04
CA ILE D 89 -20.73 -21.26 -10.78
C ILE D 89 -20.86 -22.07 -12.08
N ASN D 90 -20.23 -23.24 -12.13
CA ASN D 90 -20.36 -24.19 -13.24
C ASN D 90 -20.21 -25.61 -12.71
N ASP D 91 -20.62 -26.64 -13.48
CA ASP D 91 -20.64 -28.04 -12.98
C ASP D 91 -19.26 -28.57 -12.53
N LYS D 92 -18.17 -28.07 -13.11
CA LYS D 92 -16.84 -28.44 -12.61
C LYS D 92 -16.67 -28.07 -11.10
N LEU D 93 -17.62 -27.30 -10.57
CA LEU D 93 -17.58 -26.86 -9.17
C LEU D 93 -18.44 -27.72 -8.28
N GLU D 94 -19.02 -28.77 -8.86
CA GLU D 94 -19.85 -29.68 -8.11
C GLU D 94 -19.10 -30.11 -6.85
N GLY D 95 -19.73 -29.94 -5.70
CA GLY D 95 -19.08 -30.33 -4.44
C GLY D 95 -18.02 -29.38 -3.87
N LEU D 96 -17.72 -28.28 -4.55
CA LEU D 96 -16.83 -27.25 -3.99
C LEU D 96 -17.06 -27.04 -2.48
N GLU D 97 -15.96 -26.94 -1.74
CA GLU D 97 -16.05 -26.63 -0.32
C GLU D 97 -15.42 -25.27 -0.07
N VAL D 98 -16.16 -24.40 0.59
CA VAL D 98 -15.59 -23.10 0.91
C VAL D 98 -15.92 -22.73 2.35
N GLU D 99 -14.99 -22.04 2.99
CA GLU D 99 -15.25 -21.44 4.29
C GLU D 99 -15.39 -19.90 4.19
N ILE D 100 -16.44 -19.34 4.79
CA ILE D 100 -16.56 -17.88 4.95
C ILE D 100 -15.35 -17.29 5.74
N ALA D 101 -14.55 -16.43 5.11
CA ALA D 101 -13.39 -15.87 5.82
C ALA D 101 -13.81 -15.03 7.05
N PRO D 102 -12.99 -15.02 8.11
CA PRO D 102 -13.36 -14.16 9.27
C PRO D 102 -13.40 -12.70 8.85
N GLU D 103 -14.07 -11.86 9.64
CA GLU D 103 -14.24 -10.47 9.30
C GLU D 103 -12.98 -9.64 9.38
N ASP D 104 -12.89 -8.68 8.44
CA ASP D 104 -11.86 -7.58 8.36
C ASP D 104 -10.68 -7.86 7.42
N THR E 1 19.98 -26.55 -16.69
CA THR E 1 18.91 -27.59 -16.67
C THR E 1 18.89 -28.25 -15.30
N ALA E 2 20.07 -28.41 -14.69
CA ALA E 2 20.14 -28.93 -13.34
C ALA E 2 19.77 -27.81 -12.37
N ILE E 3 18.80 -28.09 -11.51
CA ILE E 3 18.41 -27.16 -10.47
C ILE E 3 18.43 -27.89 -9.16
N LEU E 4 19.09 -27.30 -8.16
CA LEU E 4 19.06 -27.79 -6.80
C LEU E 4 17.91 -27.10 -6.08
N VAL E 5 16.80 -27.81 -5.99
CA VAL E 5 15.62 -27.28 -5.34
C VAL E 5 15.49 -27.83 -3.92
N THR E 6 15.45 -26.92 -2.95
CA THR E 6 15.22 -27.24 -1.55
C THR E 6 13.76 -26.91 -1.22
N THR E 7 13.02 -27.89 -0.73
CA THR E 7 11.61 -27.68 -0.44
C THR E 7 11.40 -27.05 0.94
N ARG E 8 10.15 -26.80 1.31
CA ARG E 8 9.83 -26.20 2.60
C ARG E 8 10.34 -27.03 3.78
N ASP E 9 10.20 -28.35 3.70
CA ASP E 9 10.66 -29.21 4.81
C ASP E 9 12.20 -29.38 4.88
N GLY E 10 12.88 -29.14 3.76
CA GLY E 10 14.35 -29.18 3.76
C GLY E 10 14.99 -30.16 2.80
N THR E 11 14.20 -31.11 2.29
CA THR E 11 14.67 -32.08 1.29
C THR E 11 15.20 -31.37 0.05
N ARG E 12 16.25 -31.93 -0.56
CA ARG E 12 16.94 -31.30 -1.68
C ARG E 12 17.00 -32.16 -2.94
N THR E 13 15.90 -32.25 -3.70
CA THR E 13 15.94 -32.89 -5.02
C THR E 13 16.90 -32.08 -5.90
N GLU E 14 17.53 -32.75 -6.85
CA GLU E 14 18.10 -32.06 -8.02
C GLU E 14 17.18 -32.45 -9.14
N ILE E 15 16.91 -31.50 -10.04
CA ILE E 15 16.01 -31.75 -11.16
C ILE E 15 16.56 -31.25 -12.49
N GLN E 16 16.08 -31.86 -13.57
CA GLN E 16 16.36 -31.41 -14.92
C GLN E 16 15.21 -30.49 -15.29
N ALA E 17 15.53 -29.38 -15.93
CA ALA E 17 14.52 -28.40 -16.35
C ALA E 17 14.74 -28.02 -17.80
N GLU E 18 13.66 -28.05 -18.58
CA GLU E 18 13.74 -27.78 -20.00
C GLU E 18 13.81 -26.29 -20.33
N PRO E 19 14.78 -25.88 -21.18
CA PRO E 19 14.87 -24.48 -21.59
C PRO E 19 13.57 -23.97 -22.18
N GLY E 20 13.29 -22.68 -21.96
CA GLY E 20 12.08 -22.05 -22.47
C GLY E 20 10.90 -22.13 -21.52
N LEU E 21 10.91 -23.11 -20.62
CA LEU E 21 9.90 -23.18 -19.58
C LEU E 21 10.20 -22.16 -18.49
N SER E 22 9.21 -21.83 -17.67
CA SER E 22 9.46 -20.99 -16.50
C SER E 22 9.98 -21.90 -15.38
N LEU E 23 10.75 -21.35 -14.44
CA LEU E 23 11.18 -22.11 -13.29
C LEU E 23 9.99 -22.74 -12.53
N MET E 24 8.87 -22.02 -12.46
CA MET E 24 7.68 -22.53 -11.79
C MET E 24 7.21 -23.76 -12.55
N GLU E 25 7.11 -23.62 -13.87
CA GLU E 25 6.69 -24.71 -14.75
C GLU E 25 7.59 -25.94 -14.57
N ALA E 26 8.90 -25.70 -14.48
CA ALA E 26 9.89 -26.74 -14.23
C ALA E 26 9.67 -27.44 -12.89
N LEU E 27 9.52 -26.65 -11.83
CA LEU E 27 9.26 -27.19 -10.50
C LEU E 27 8.00 -28.05 -10.44
N ARG E 28 6.98 -27.66 -11.20
CA ARG E 28 5.73 -28.43 -11.22
C ARG E 28 5.88 -29.71 -12.05
N ASP E 29 6.52 -29.58 -13.21
CA ASP E 29 6.78 -30.73 -14.08
C ASP E 29 7.65 -31.80 -13.41
N ALA E 30 8.63 -31.38 -12.63
CA ALA E 30 9.41 -32.30 -11.80
C ALA E 30 8.64 -32.70 -10.53
N GLY E 31 7.33 -32.44 -10.51
CA GLY E 31 6.46 -32.85 -9.40
C GLY E 31 6.72 -32.25 -8.02
N ILE E 32 7.24 -31.02 -7.95
CA ILE E 32 7.31 -30.28 -6.68
C ILE E 32 5.94 -29.60 -6.47
N ASP E 33 5.06 -30.27 -5.74
CA ASP E 33 3.66 -29.86 -5.68
C ASP E 33 3.34 -28.80 -4.63
N GLU E 34 4.31 -28.54 -3.75
CA GLU E 34 4.22 -27.50 -2.71
C GLU E 34 3.87 -26.15 -3.31
N LEU E 35 4.49 -25.87 -4.45
CA LEU E 35 4.47 -24.58 -5.11
C LEU E 35 3.15 -24.31 -5.85
N LEU E 36 2.17 -23.76 -5.14
CA LEU E 36 0.93 -23.33 -5.77
C LEU E 36 1.28 -22.28 -6.80
N ALA E 37 0.52 -22.22 -7.86
CA ALA E 37 0.78 -21.18 -8.85
C ALA E 37 -0.55 -20.53 -9.09
N LEU E 38 -1.07 -19.93 -8.02
CA LEU E 38 -2.48 -19.57 -7.94
C LEU E 38 -2.93 -18.80 -9.14
N CYS E 39 -2.05 -17.96 -9.70
CA CYS E 39 -2.50 -17.10 -10.78
C CYS E 39 -2.17 -17.73 -12.13
N GLY E 40 -1.55 -18.91 -12.10
CA GLY E 40 -1.26 -19.66 -13.32
C GLY E 40 -0.11 -19.00 -14.05
N GLY E 41 0.82 -18.44 -13.27
CA GLY E 41 2.02 -17.82 -13.80
C GLY E 41 1.88 -16.58 -14.62
N CYS E 42 0.88 -15.76 -14.34
CA CYS E 42 0.73 -14.50 -15.07
C CYS E 42 1.12 -13.31 -14.18
N CYS E 43 1.92 -13.55 -13.15
CA CYS E 43 2.56 -12.50 -12.37
C CYS E 43 1.51 -11.63 -11.67
N SER E 44 0.66 -12.26 -10.86
CA SER E 44 -0.44 -11.60 -10.23
C SER E 44 -0.64 -12.16 -8.83
N CYS E 45 0.20 -13.08 -8.42
CA CYS E 45 0.11 -13.54 -7.03
C CYS E 45 1.52 -13.61 -6.47
N ALA E 46 1.67 -14.13 -5.27
CA ALA E 46 3.01 -14.33 -4.75
C ALA E 46 3.26 -15.81 -4.49
N THR E 47 2.40 -16.69 -4.98
CA THR E 47 2.51 -18.09 -4.56
C THR E 47 3.61 -18.91 -5.23
N CYS E 48 4.23 -18.40 -6.29
CA CYS E 48 5.37 -19.11 -6.90
C CYS E 48 6.73 -18.61 -6.36
N HIS E 49 6.67 -17.89 -5.24
CA HIS E 49 7.82 -17.33 -4.49
C HIS E 49 8.95 -18.36 -4.22
N VAL E 50 10.15 -18.10 -4.72
CA VAL E 50 11.35 -18.85 -4.28
C VAL E 50 12.46 -17.93 -3.80
N LEU E 51 13.42 -18.54 -3.10
CA LEU E 51 14.60 -17.85 -2.62
C LEU E 51 15.76 -18.39 -3.43
N VAL E 52 16.42 -17.50 -4.18
CA VAL E 52 17.55 -17.84 -5.02
C VAL E 52 18.84 -17.72 -4.21
N ALA E 53 19.77 -18.64 -4.44
CA ALA E 53 21.11 -18.52 -3.84
C ALA E 53 21.84 -17.26 -4.32
N PRO E 54 22.47 -16.52 -3.39
CA PRO E 54 23.14 -15.26 -3.72
C PRO E 54 24.17 -15.37 -4.85
N ALA E 55 24.85 -16.50 -4.94
CA ALA E 55 25.80 -16.74 -6.01
C ALA E 55 25.17 -16.59 -7.41
N PHE E 56 23.86 -16.83 -7.50
CA PHE E 56 23.18 -16.87 -8.80
C PHE E 56 22.44 -15.61 -9.26
N ALA E 57 22.26 -14.65 -8.35
CA ALA E 57 21.50 -13.44 -8.66
C ALA E 57 21.89 -12.88 -10.03
N ASP E 58 23.18 -12.60 -10.19
CA ASP E 58 23.75 -12.05 -11.42
C ASP E 58 23.56 -12.91 -12.67
N ARG E 59 23.08 -14.15 -12.53
CA ARG E 59 22.82 -15.01 -13.70
C ARG E 59 21.35 -15.04 -14.13
N LEU E 60 20.49 -14.32 -13.39
CA LEU E 60 19.08 -14.19 -13.72
C LEU E 60 18.83 -12.80 -14.30
N PRO E 61 17.74 -12.63 -15.07
CA PRO E 61 17.51 -11.29 -15.55
C PRO E 61 16.94 -10.45 -14.40
N ALA E 62 17.14 -9.13 -14.49
CA ALA E 62 16.55 -8.16 -13.57
C ALA E 62 15.06 -8.43 -13.26
N LEU E 63 14.70 -8.41 -11.97
CA LEU E 63 13.26 -8.48 -11.65
C LEU E 63 12.52 -7.22 -12.09
N SER E 64 11.23 -7.39 -12.37
CA SER E 64 10.38 -6.29 -12.80
C SER E 64 9.78 -5.59 -11.59
N GLY E 65 9.34 -4.35 -11.83
CA GLY E 65 8.62 -3.55 -10.84
C GLY E 65 7.42 -4.31 -10.32
N ASP E 66 6.66 -4.90 -11.23
CA ASP E 66 5.49 -5.68 -10.85
C ASP E 66 5.83 -6.90 -10.01
N GLU E 67 6.90 -7.61 -10.37
CA GLU E 67 7.34 -8.76 -9.61
C GLU E 67 7.78 -8.30 -8.23
N ASN E 68 8.57 -7.24 -8.20
CA ASN E 68 9.00 -6.65 -6.93
C ASN E 68 7.80 -6.28 -6.04
N ASP E 69 6.73 -5.73 -6.64
CA ASP E 69 5.58 -5.32 -5.85
C ASP E 69 4.85 -6.52 -5.23
N LEU E 70 4.60 -7.54 -6.03
CA LEU E 70 4.01 -8.76 -5.53
C LEU E 70 4.82 -9.37 -4.39
N LEU E 71 6.15 -9.44 -4.57
CA LEU E 71 7.04 -10.03 -3.54
C LEU E 71 7.05 -9.30 -2.19
N ASP E 72 6.92 -7.98 -2.22
CA ASP E 72 6.85 -7.19 -0.98
C ASP E 72 5.63 -7.50 -0.11
N SER E 73 4.58 -8.08 -0.69
CA SER E 73 3.41 -8.52 0.05
C SER E 73 3.70 -9.73 0.92
N SER E 74 4.76 -10.47 0.59
CA SER E 74 5.12 -11.65 1.38
C SER E 74 5.94 -11.32 2.64
N ASP E 75 5.53 -11.86 3.77
CA ASP E 75 6.29 -11.68 5.01
C ASP E 75 7.65 -12.40 5.05
N HIS E 76 7.93 -13.23 4.06
CA HIS E 76 9.20 -13.96 3.98
C HIS E 76 10.13 -13.45 2.88
N ARG E 77 9.74 -12.36 2.23
CA ARG E 77 10.55 -11.80 1.17
C ARG E 77 11.94 -11.41 1.69
N THR E 78 12.95 -11.75 0.92
CA THR E 78 14.31 -11.32 1.22
C THR E 78 14.82 -10.66 -0.06
N PRO E 79 15.99 -9.98 0.00
CA PRO E 79 16.51 -9.40 -1.25
C PRO E 79 16.79 -10.44 -2.34
N HIS E 80 16.68 -11.74 -2.04
CA HIS E 80 16.97 -12.80 -3.01
C HIS E 80 15.73 -13.54 -3.52
N SER E 81 14.56 -13.05 -3.08
CA SER E 81 13.29 -13.62 -3.47
C SER E 81 13.00 -13.35 -4.94
N ARG E 82 12.44 -14.35 -5.62
CA ARG E 82 12.04 -14.20 -7.01
C ARG E 82 10.74 -14.94 -7.16
N LEU E 83 9.95 -14.51 -8.11
CA LEU E 83 8.75 -15.24 -8.46
C LEU E 83 9.25 -16.23 -9.51
N SER E 84 9.21 -17.53 -9.17
CA SER E 84 9.73 -18.57 -10.06
C SER E 84 9.06 -18.55 -11.43
N CYS E 85 7.82 -18.10 -11.50
CA CYS E 85 7.11 -18.07 -12.81
C CYS E 85 7.65 -17.02 -13.76
N GLN E 86 8.51 -16.15 -13.25
CA GLN E 86 9.07 -15.04 -14.03
C GLN E 86 10.48 -15.33 -14.57
N ILE E 87 10.98 -16.54 -14.29
CA ILE E 87 12.35 -16.93 -14.65
C ILE E 87 12.34 -17.95 -15.79
N THR E 88 12.82 -17.55 -16.95
CA THR E 88 12.90 -18.43 -18.08
C THR E 88 14.08 -19.41 -17.91
N ILE E 89 13.81 -20.70 -17.99
CA ILE E 89 14.88 -21.73 -17.92
C ILE E 89 15.84 -21.63 -19.11
N ASN E 90 17.14 -21.59 -18.81
CA ASN E 90 18.22 -21.54 -19.81
C ASN E 90 19.58 -22.04 -19.24
N ASP E 91 20.51 -22.38 -20.13
CA ASP E 91 21.76 -23.04 -19.75
C ASP E 91 22.62 -22.22 -18.78
N LYS E 92 22.45 -20.90 -18.78
CA LYS E 92 23.17 -20.03 -17.87
C LYS E 92 22.69 -20.26 -16.42
N LEU E 93 21.60 -21.00 -16.27
CA LEU E 93 21.04 -21.35 -14.95
C LEU E 93 21.49 -22.72 -14.49
N GLU E 94 22.35 -23.35 -15.29
CA GLU E 94 22.90 -24.66 -14.99
C GLU E 94 23.33 -24.72 -13.52
N GLY E 95 22.71 -25.60 -12.76
CA GLY E 95 23.08 -25.80 -11.35
C GLY E 95 22.59 -24.73 -10.38
N LEU E 96 21.44 -24.11 -10.70
CA LEU E 96 20.86 -23.08 -9.85
C LEU E 96 20.30 -23.65 -8.55
N GLU E 97 20.59 -22.97 -7.45
CA GLU E 97 20.05 -23.34 -6.16
C GLU E 97 18.87 -22.44 -5.79
N VAL E 98 17.74 -23.07 -5.52
CA VAL E 98 16.55 -22.36 -5.10
C VAL E 98 15.91 -23.06 -3.91
N GLU E 99 15.37 -22.26 -2.99
CA GLU E 99 14.57 -22.79 -1.92
C GLU E 99 13.15 -22.28 -2.10
N ILE E 100 12.17 -23.15 -1.87
CA ILE E 100 10.77 -22.79 -1.85
C ILE E 100 10.53 -21.90 -0.65
N ALA E 101 10.06 -20.67 -0.88
CA ALA E 101 9.75 -19.77 0.24
C ALA E 101 8.62 -20.34 1.10
N PRO E 102 8.67 -20.08 2.42
CA PRO E 102 7.56 -20.49 3.29
C PRO E 102 6.28 -19.80 2.84
N GLU E 103 5.15 -20.44 3.08
CA GLU E 103 3.86 -19.92 2.65
C GLU E 103 3.52 -18.65 3.36
N ASP E 104 2.82 -17.75 2.63
CA ASP E 104 2.39 -16.41 3.06
C ASP E 104 3.38 -15.24 2.86
#